data_2PAX
#
_entry.id   2PAX
#
_cell.length_a   59.230
_cell.length_b   64.530
_cell.length_c   96.410
_cell.angle_alpha   90.00
_cell.angle_beta   90.00
_cell.angle_gamma   90.00
#
_symmetry.space_group_name_H-M   'P 21 21 21'
#
loop_
_entity.id
_entity.type
_entity.pdbx_description
1 polymer 'POLY(ADP-RIBOSE) POLYMERASE'
2 non-polymer 6-AMINO-BENZO[DE]ISOQUINOLINE-1,3-DIONE
3 water water
#
_entity_poly.entity_id   1
_entity_poly.type   'polypeptide(L)'
_entity_poly.pdbx_seq_one_letter_code
;ALTVSAGTKSKLAKPIQDLIKMIFDVESMKKAMVEFEIDLQKMPLGKLSKRQIQSAYSILNEVQQAVSDGGSESQILDLS
NRFYTLIPHDFGMKKPPLLSNLEYIQAKVQMLDNLLDIEVAYSLLRGGNEDGDKDPIDINYEKLRTDIKVVDKDSEEAKI
IKQYVKNTHAATHNAYDLKVVEIFRIEREGESQRYKPFKQLHNRQLLWHGSRTTNFAGILSQGLRIAPPEAPVTGYMFGK
GIYFADMVSKSANYCHTSQADPIGLILLGEVALGNMYELKNASHITKLPKGKHSVKGLGKTAPDPTATTTLDGVEVPLGN
GISTGINDTCLLYNEYIVYDVAQVNLKYLLKLKFNYKTSLW
;
_entity_poly.pdbx_strand_id   A
#
loop_
_chem_comp.id
_chem_comp.type
_chem_comp.name
_chem_comp.formula
4AN non-polymer 6-AMINO-BENZO[DE]ISOQUINOLINE-1,3-DIONE 'C12 H8 N2 O2'
#
# COMPACT_ATOMS: atom_id res chain seq x y z
N LYS A 9 -18.86 19.46 19.14
CA LYS A 9 -17.97 19.52 17.93
C LYS A 9 -16.58 18.95 18.13
N SER A 10 -15.90 18.72 17.01
CA SER A 10 -14.56 18.15 16.96
C SER A 10 -13.48 18.99 17.60
N LYS A 11 -12.63 18.33 18.37
CA LYS A 11 -11.52 19.00 19.03
C LYS A 11 -10.26 18.96 18.15
N LEU A 12 -10.29 18.09 17.15
CA LEU A 12 -9.20 17.89 16.19
C LEU A 12 -8.97 19.11 15.30
N ALA A 13 -7.75 19.27 14.79
CA ALA A 13 -7.43 20.38 13.89
C ALA A 13 -8.22 20.12 12.62
N LYS A 14 -8.45 21.15 11.82
CA LYS A 14 -9.21 21.00 10.59
C LYS A 14 -8.60 20.01 9.60
N PRO A 15 -7.28 20.13 9.29
CA PRO A 15 -6.65 19.20 8.34
C PRO A 15 -6.90 17.74 8.68
N ILE A 16 -6.87 17.42 9.98
CA ILE A 16 -7.10 16.06 10.51
C ILE A 16 -8.57 15.63 10.38
N GLN A 17 -9.48 16.59 10.49
CA GLN A 17 -10.90 16.34 10.32
C GLN A 17 -11.12 15.98 8.84
N ASP A 18 -10.57 16.78 7.94
CA ASP A 18 -10.69 16.50 6.51
C ASP A 18 -10.08 15.17 6.16
N LEU A 19 -9.03 14.79 6.87
CA LEU A 19 -8.39 13.51 6.63
C LEU A 19 -9.30 12.36 7.05
N ILE A 20 -9.91 12.46 8.23
CA ILE A 20 -10.80 11.41 8.74
C ILE A 20 -12.02 11.19 7.84
N LYS A 21 -12.65 12.28 7.43
CA LYS A 21 -13.80 12.23 6.56
C LYS A 21 -13.41 11.53 5.27
N MET A 22 -12.22 11.86 4.77
CA MET A 22 -11.73 11.28 3.54
C MET A 22 -11.45 9.78 3.59
N ILE A 23 -10.86 9.30 4.69
CA ILE A 23 -10.56 7.88 4.73
C ILE A 23 -11.74 7.02 5.07
N PHE A 24 -12.78 7.66 5.60
CA PHE A 24 -14.00 6.93 5.95
C PHE A 24 -15.15 7.16 4.97
N ASP A 25 -14.88 7.82 3.85
CA ASP A 25 -15.90 8.11 2.85
C ASP A 25 -16.46 6.83 2.22
N VAL A 26 -17.75 6.58 2.42
CA VAL A 26 -18.38 5.38 1.91
C VAL A 26 -18.45 5.33 0.38
N GLU A 27 -18.58 6.48 -0.26
CA GLU A 27 -18.69 6.52 -1.70
C GLU A 27 -17.40 6.09 -2.39
N SER A 28 -16.27 6.41 -1.76
CA SER A 28 -14.97 6.02 -2.30
C SER A 28 -14.83 4.49 -2.21
N MET A 29 -15.29 3.90 -1.12
CA MET A 29 -15.24 2.46 -0.96
C MET A 29 -15.99 1.77 -2.11
N LYS A 30 -17.18 2.28 -2.46
CA LYS A 30 -17.97 1.70 -3.57
C LYS A 30 -17.29 1.90 -4.92
N LYS A 31 -16.74 3.09 -5.16
CA LYS A 31 -16.06 3.36 -6.40
C LYS A 31 -14.95 2.32 -6.56
N ALA A 32 -14.17 2.09 -5.51
CA ALA A 32 -13.07 1.11 -5.54
C ALA A 32 -13.58 -0.28 -5.99
N MET A 33 -14.67 -0.72 -5.39
CA MET A 33 -15.26 -2.01 -5.71
C MET A 33 -15.82 -2.11 -7.12
N VAL A 34 -16.43 -1.03 -7.59
CA VAL A 34 -16.96 -1.00 -8.95
C VAL A 34 -15.79 -1.10 -9.93
N GLU A 35 -14.67 -0.45 -9.56
CA GLU A 35 -13.46 -0.48 -10.40
C GLU A 35 -12.86 -1.89 -10.46
N PHE A 36 -13.05 -2.69 -9.42
CA PHE A 36 -12.55 -4.08 -9.43
C PHE A 36 -13.55 -4.97 -10.12
N GLU A 37 -14.62 -4.36 -10.61
CA GLU A 37 -15.72 -5.02 -11.32
C GLU A 37 -16.61 -5.88 -10.45
N ILE A 38 -16.69 -5.58 -9.15
CA ILE A 38 -17.57 -6.34 -8.28
C ILE A 38 -18.99 -5.87 -8.56
N ASP A 39 -19.95 -6.76 -8.34
CA ASP A 39 -21.37 -6.49 -8.55
C ASP A 39 -21.91 -5.98 -7.22
N LEU A 40 -22.06 -4.67 -7.09
CA LEU A 40 -22.52 -4.05 -5.84
C LEU A 40 -23.97 -4.37 -5.47
N GLN A 41 -24.73 -4.85 -6.46
CA GLN A 41 -26.11 -5.25 -6.26
C GLN A 41 -26.17 -6.62 -5.58
N LYS A 42 -25.32 -7.54 -6.01
CA LYS A 42 -25.28 -8.87 -5.41
C LYS A 42 -24.34 -8.86 -4.22
N MET A 43 -23.33 -8.00 -4.27
CA MET A 43 -22.34 -7.90 -3.19
C MET A 43 -22.18 -6.49 -2.60
N PRO A 44 -23.05 -6.12 -1.66
CA PRO A 44 -22.98 -4.79 -1.05
C PRO A 44 -21.83 -4.69 -0.01
N LEU A 45 -21.45 -3.46 0.32
CA LEU A 45 -20.39 -3.21 1.29
C LEU A 45 -20.57 -4.02 2.57
N GLY A 46 -21.81 -4.17 3.02
CA GLY A 46 -22.06 -4.94 4.23
C GLY A 46 -21.94 -6.47 4.16
N LYS A 47 -21.79 -7.04 2.97
CA LYS A 47 -21.69 -8.49 2.84
C LYS A 47 -20.26 -9.02 3.02
N LEU A 48 -19.29 -8.18 2.73
CA LEU A 48 -17.86 -8.48 2.83
C LEU A 48 -17.46 -9.03 4.20
N SER A 49 -16.86 -10.21 4.21
CA SER A 49 -16.36 -10.79 5.46
C SER A 49 -14.94 -11.30 5.21
N LYS A 50 -14.13 -11.35 6.28
CA LYS A 50 -12.75 -11.83 6.21
C LYS A 50 -12.66 -13.29 5.80
N ARG A 51 -13.58 -14.12 6.30
CA ARG A 51 -13.63 -15.54 5.95
C ARG A 51 -13.84 -15.67 4.44
N GLN A 52 -14.72 -14.83 3.92
CA GLN A 52 -15.04 -14.80 2.49
C GLN A 52 -13.80 -14.48 1.67
N ILE A 53 -13.04 -13.50 2.12
CA ILE A 53 -11.81 -13.10 1.43
C ILE A 53 -10.72 -14.18 1.51
N GLN A 54 -10.62 -14.85 2.66
CA GLN A 54 -9.64 -15.92 2.85
C GLN A 54 -9.91 -17.03 1.85
N SER A 55 -11.16 -17.48 1.77
CA SER A 55 -11.54 -18.53 0.82
C SER A 55 -11.26 -18.14 -0.62
N ALA A 56 -11.49 -16.87 -0.95
CA ALA A 56 -11.24 -16.37 -2.29
C ALA A 56 -9.74 -16.47 -2.64
N TYR A 57 -8.88 -16.14 -1.66
CA TYR A 57 -7.42 -16.23 -1.82
C TYR A 57 -7.04 -17.68 -2.14
N SER A 58 -7.58 -18.63 -1.36
CA SER A 58 -7.32 -20.08 -1.53
C SER A 58 -7.70 -20.56 -2.90
N ILE A 59 -8.83 -20.07 -3.37
CA ILE A 59 -9.32 -20.45 -4.68
C ILE A 59 -8.35 -19.94 -5.74
N LEU A 60 -7.90 -18.71 -5.58
CA LEU A 60 -6.94 -18.12 -6.52
C LEU A 60 -5.61 -18.88 -6.49
N ASN A 61 -5.27 -19.38 -5.31
CA ASN A 61 -4.05 -20.12 -5.11
C ASN A 61 -4.13 -21.45 -5.85
N GLU A 62 -5.24 -22.15 -5.70
CA GLU A 62 -5.42 -23.41 -6.41
C GLU A 62 -5.43 -23.27 -7.93
N VAL A 63 -6.18 -22.28 -8.44
CA VAL A 63 -6.30 -22.07 -9.89
C VAL A 63 -4.95 -21.70 -10.51
N GLN A 64 -4.15 -20.95 -9.75
CA GLN A 64 -2.82 -20.51 -10.14
C GLN A 64 -1.93 -21.76 -10.33
N GLN A 65 -2.11 -22.72 -9.42
CA GLN A 65 -1.37 -23.98 -9.47
C GLN A 65 -1.76 -24.82 -10.70
N ALA A 66 -3.06 -24.90 -10.99
CA ALA A 66 -3.56 -25.66 -12.12
C ALA A 66 -3.18 -25.10 -13.48
N VAL A 67 -3.02 -23.77 -13.58
CA VAL A 67 -2.65 -23.14 -14.84
C VAL A 67 -1.18 -23.45 -15.11
N SER A 68 -0.36 -23.24 -14.09
CA SER A 68 1.08 -23.47 -14.15
C SER A 68 1.45 -24.93 -14.41
N ASP A 69 0.83 -25.84 -13.69
CA ASP A 69 1.10 -27.27 -13.82
C ASP A 69 0.30 -28.03 -14.85
N GLY A 70 -0.49 -27.31 -15.65
CA GLY A 70 -1.31 -27.96 -16.66
C GLY A 70 -2.44 -28.83 -16.11
N GLY A 71 -3.20 -28.34 -15.12
CA GLY A 71 -4.33 -29.09 -14.58
C GLY A 71 -5.46 -29.14 -15.61
N SER A 72 -6.47 -29.98 -15.40
CA SER A 72 -7.61 -30.08 -16.32
C SER A 72 -8.27 -28.73 -16.57
N GLU A 73 -8.76 -28.55 -17.80
CA GLU A 73 -9.48 -27.32 -18.14
C GLU A 73 -10.79 -27.29 -17.32
N SER A 74 -11.32 -28.49 -17.02
CA SER A 74 -12.54 -28.61 -16.24
C SER A 74 -12.25 -28.12 -14.81
N GLN A 75 -11.03 -28.35 -14.35
CA GLN A 75 -10.62 -27.91 -13.02
C GLN A 75 -10.61 -26.36 -12.95
N ILE A 76 -10.00 -25.74 -13.97
CA ILE A 76 -9.92 -24.28 -14.07
C ILE A 76 -11.31 -23.66 -14.20
N LEU A 77 -12.20 -24.35 -14.91
CA LEU A 77 -13.57 -23.84 -15.11
C LEU A 77 -14.30 -23.92 -13.77
N ASP A 78 -14.12 -25.03 -13.05
CA ASP A 78 -14.77 -25.21 -11.77
C ASP A 78 -14.30 -24.16 -10.76
N LEU A 79 -12.99 -23.94 -10.70
CA LEU A 79 -12.44 -22.95 -9.78
C LEU A 79 -12.93 -21.54 -10.14
N SER A 80 -13.03 -21.23 -11.43
CA SER A 80 -13.53 -19.92 -11.87
C SER A 80 -14.96 -19.70 -11.40
N ASN A 81 -15.82 -20.70 -11.59
CA ASN A 81 -17.22 -20.57 -11.17
C ASN A 81 -17.34 -20.41 -9.67
N ARG A 82 -16.52 -21.12 -8.90
CA ARG A 82 -16.59 -20.95 -7.47
C ARG A 82 -16.13 -19.57 -7.03
N PHE A 83 -15.11 -19.03 -7.70
CA PHE A 83 -14.60 -17.69 -7.39
C PHE A 83 -15.66 -16.60 -7.66
N TYR A 84 -16.28 -16.65 -8.84
CA TYR A 84 -17.31 -15.69 -9.24
C TYR A 84 -18.63 -15.82 -8.45
N THR A 85 -18.83 -16.97 -7.84
CA THR A 85 -20.00 -17.21 -7.03
C THR A 85 -19.72 -16.70 -5.61
N LEU A 86 -18.46 -16.77 -5.21
CA LEU A 86 -18.06 -16.29 -3.89
C LEU A 86 -18.01 -14.76 -3.94
N ILE A 87 -17.46 -14.21 -5.02
CA ILE A 87 -17.37 -12.75 -5.20
C ILE A 87 -18.06 -12.41 -6.53
N PRO A 88 -19.35 -12.03 -6.49
CA PRO A 88 -20.14 -11.68 -7.68
C PRO A 88 -19.55 -10.49 -8.46
N HIS A 89 -19.31 -10.71 -9.75
CA HIS A 89 -18.76 -9.69 -10.65
C HIS A 89 -19.80 -9.22 -11.66
N ASP A 90 -19.59 -8.02 -12.19
CA ASP A 90 -20.47 -7.46 -13.19
C ASP A 90 -19.59 -7.03 -14.35
N PHE A 91 -19.68 -7.81 -15.43
CA PHE A 91 -18.92 -7.58 -16.64
C PHE A 91 -19.77 -6.91 -17.73
N GLY A 92 -20.94 -6.40 -17.31
CA GLY A 92 -21.84 -5.75 -18.24
C GLY A 92 -22.31 -6.72 -19.30
N MET A 93 -22.23 -6.29 -20.55
CA MET A 93 -22.66 -7.13 -21.65
C MET A 93 -21.61 -8.10 -22.16
N LYS A 94 -20.47 -8.21 -21.49
CA LYS A 94 -19.47 -9.14 -21.96
C LYS A 94 -19.47 -10.45 -21.16
N LYS A 95 -18.93 -11.50 -21.78
CA LYS A 95 -18.84 -12.79 -21.12
C LYS A 95 -17.74 -12.71 -20.05
N PRO A 96 -17.94 -13.38 -18.90
CA PRO A 96 -16.96 -13.38 -17.80
C PRO A 96 -15.67 -14.15 -18.18
N PRO A 97 -14.51 -13.51 -18.05
CA PRO A 97 -13.28 -14.22 -18.39
C PRO A 97 -12.94 -15.28 -17.36
N LEU A 98 -12.39 -16.40 -17.83
CA LEU A 98 -11.96 -17.46 -16.93
C LEU A 98 -10.65 -17.08 -16.24
N LEU A 99 -10.42 -17.63 -15.04
CA LEU A 99 -9.19 -17.37 -14.32
C LEU A 99 -8.18 -18.37 -14.90
N SER A 100 -7.86 -18.19 -16.19
CA SER A 100 -6.95 -19.10 -16.85
C SER A 100 -5.71 -18.42 -17.40
N ASN A 101 -5.56 -17.17 -17.03
CA ASN A 101 -4.45 -16.34 -17.45
C ASN A 101 -3.74 -15.89 -16.17
N LEU A 102 -2.44 -16.14 -16.06
CA LEU A 102 -1.71 -15.72 -14.86
C LEU A 102 -1.74 -14.20 -14.55
N GLU A 103 -1.83 -13.35 -15.58
CA GLU A 103 -1.88 -11.91 -15.33
C GLU A 103 -3.21 -11.53 -14.73
N TYR A 104 -4.29 -12.16 -15.20
CA TYR A 104 -5.66 -11.90 -14.71
C TYR A 104 -5.81 -12.35 -13.26
N ILE A 105 -5.20 -13.50 -12.95
CA ILE A 105 -5.21 -14.05 -11.61
C ILE A 105 -4.47 -13.13 -10.64
N GLN A 106 -3.38 -12.51 -11.11
CA GLN A 106 -2.60 -11.56 -10.32
C GLN A 106 -3.47 -10.34 -10.08
N ALA A 107 -4.22 -9.92 -11.09
CA ALA A 107 -5.10 -8.77 -10.95
C ALA A 107 -6.09 -9.06 -9.82
N LYS A 108 -6.61 -10.28 -9.81
CA LYS A 108 -7.58 -10.67 -8.80
C LYS A 108 -7.00 -10.80 -7.40
N VAL A 109 -5.73 -11.19 -7.30
CA VAL A 109 -5.07 -11.29 -5.99
C VAL A 109 -4.93 -9.87 -5.41
N GLN A 110 -4.66 -8.90 -6.28
CA GLN A 110 -4.52 -7.50 -5.89
C GLN A 110 -5.85 -6.96 -5.38
N MET A 111 -6.93 -7.29 -6.09
CA MET A 111 -8.26 -6.87 -5.68
C MET A 111 -8.55 -7.33 -4.24
N LEU A 112 -8.16 -8.56 -3.91
CA LEU A 112 -8.36 -9.09 -2.56
C LEU A 112 -7.52 -8.37 -1.50
N ASP A 113 -6.28 -7.95 -1.84
CA ASP A 113 -5.44 -7.22 -0.89
C ASP A 113 -6.19 -5.94 -0.50
N ASN A 114 -6.82 -5.30 -1.49
CA ASN A 114 -7.58 -4.08 -1.24
C ASN A 114 -8.87 -4.33 -0.49
N LEU A 115 -9.59 -5.40 -0.84
CA LEU A 115 -10.83 -5.72 -0.14
C LEU A 115 -10.62 -5.97 1.35
N LEU A 116 -9.41 -6.45 1.70
CA LEU A 116 -9.05 -6.70 3.11
C LEU A 116 -9.06 -5.41 3.92
N ASP A 117 -8.59 -4.33 3.30
CA ASP A 117 -8.56 -3.04 3.94
C ASP A 117 -9.91 -2.34 3.90
N ILE A 118 -10.67 -2.53 2.82
CA ILE A 118 -11.98 -1.90 2.73
C ILE A 118 -12.88 -2.54 3.79
N GLU A 119 -12.76 -3.85 3.96
CA GLU A 119 -13.57 -4.54 4.96
C GLU A 119 -13.33 -3.97 6.37
N VAL A 120 -12.06 -3.69 6.70
CA VAL A 120 -11.71 -3.11 8.02
C VAL A 120 -12.34 -1.72 8.17
N ALA A 121 -12.23 -0.91 7.13
CA ALA A 121 -12.79 0.45 7.13
C ALA A 121 -14.31 0.47 7.39
N TYR A 122 -15.07 -0.37 6.68
CA TYR A 122 -16.52 -0.42 6.86
C TYR A 122 -16.88 -0.93 8.26
N SER A 123 -16.17 -1.96 8.74
CA SER A 123 -16.44 -2.50 10.06
C SER A 123 -16.26 -1.46 11.15
N LEU A 124 -15.23 -0.65 11.02
CA LEU A 124 -14.98 0.38 12.02
C LEU A 124 -16.04 1.47 11.95
N LEU A 125 -16.42 1.82 10.73
CA LEU A 125 -17.41 2.87 10.49
C LEU A 125 -18.77 2.58 11.09
N ARG A 126 -19.15 1.30 11.12
CA ARG A 126 -20.44 0.87 11.63
C ARG A 126 -20.39 0.43 13.11
N GLY A 127 -19.18 0.41 13.67
CA GLY A 127 -18.98 0.04 15.06
C GLY A 127 -19.52 1.03 16.08
N GLY A 128 -18.97 1.02 17.30
CA GLY A 128 -19.42 1.90 18.37
C GLY A 128 -19.52 3.39 18.13
N ASN A 129 -20.66 3.82 17.60
CA ASN A 129 -20.91 5.23 17.29
C ASN A 129 -22.08 5.82 18.07
N GLU A 130 -22.56 5.10 19.08
CA GLU A 130 -23.70 5.55 19.89
C GLU A 130 -23.46 6.80 20.76
N ASP A 131 -22.21 7.00 21.18
CA ASP A 131 -21.83 8.14 22.02
C ASP A 131 -22.29 9.48 21.41
N GLY A 132 -23.12 10.21 22.17
CA GLY A 132 -23.62 11.49 21.70
C GLY A 132 -22.75 12.64 22.19
N ASP A 133 -21.95 12.37 23.22
CA ASP A 133 -21.05 13.38 23.80
C ASP A 133 -19.81 13.70 22.97
N LYS A 134 -19.58 12.93 21.91
CA LYS A 134 -18.42 13.13 21.02
C LYS A 134 -18.89 13.37 19.59
N ASP A 135 -18.17 14.20 18.84
CA ASP A 135 -18.47 14.48 17.45
C ASP A 135 -18.12 13.19 16.67
N PRO A 136 -18.90 12.85 15.62
CA PRO A 136 -18.64 11.64 14.82
C PRO A 136 -17.18 11.52 14.37
N ILE A 137 -16.62 12.64 13.93
CA ILE A 137 -15.23 12.67 13.49
C ILE A 137 -14.30 12.22 14.62
N ASP A 138 -14.46 12.80 15.81
CA ASP A 138 -13.64 12.45 16.96
C ASP A 138 -13.80 10.98 17.29
N ILE A 139 -15.00 10.45 17.10
CA ILE A 139 -15.22 9.04 17.40
C ILE A 139 -14.46 8.11 16.47
N ASN A 140 -14.51 8.41 15.17
CA ASN A 140 -13.82 7.61 14.16
C ASN A 140 -12.31 7.76 14.26
N TYR A 141 -11.84 8.93 14.67
CA TYR A 141 -10.42 9.16 14.83
C TYR A 141 -9.90 8.22 15.92
N GLU A 142 -10.64 8.13 17.02
CA GLU A 142 -10.23 7.28 18.12
C GLU A 142 -10.19 5.82 17.75
N LYS A 143 -11.02 5.44 16.77
CA LYS A 143 -11.06 4.06 16.31
C LYS A 143 -9.78 3.66 15.58
N LEU A 144 -9.04 4.66 15.11
CA LEU A 144 -7.80 4.40 14.40
C LEU A 144 -6.64 4.06 15.33
N ARG A 145 -6.77 4.42 16.62
CA ARG A 145 -5.72 4.14 17.61
C ARG A 145 -4.36 4.61 17.13
N THR A 146 -4.34 5.80 16.53
CA THR A 146 -3.16 6.36 15.96
C THR A 146 -3.16 7.84 16.31
N ASP A 147 -2.09 8.29 16.95
CA ASP A 147 -2.01 9.70 17.29
C ASP A 147 -1.58 10.42 16.01
N ILE A 148 -2.37 11.42 15.58
CA ILE A 148 -2.05 12.15 14.37
C ILE A 148 -1.85 13.63 14.68
N LYS A 149 -0.76 14.20 14.15
CA LYS A 149 -0.43 15.60 14.38
C LYS A 149 0.01 16.26 13.11
N VAL A 150 -0.28 17.56 13.00
CA VAL A 150 0.10 18.32 11.83
C VAL A 150 1.53 18.83 11.92
N VAL A 151 2.35 18.50 10.93
CA VAL A 151 3.72 18.96 10.92
C VAL A 151 3.72 20.39 10.38
N ASP A 152 4.37 21.28 11.14
CA ASP A 152 4.49 22.69 10.79
C ASP A 152 5.16 22.83 9.42
N LYS A 153 4.41 23.41 8.49
CA LYS A 153 4.85 23.62 7.12
C LYS A 153 6.22 24.29 6.97
N ASP A 154 6.62 25.07 7.96
CA ASP A 154 7.88 25.80 7.89
C ASP A 154 9.02 25.24 8.73
N SER A 155 8.83 24.09 9.35
CA SER A 155 9.89 23.48 10.16
C SER A 155 10.90 22.73 9.31
N GLU A 156 11.97 22.27 9.95
CA GLU A 156 13.02 21.54 9.25
C GLU A 156 12.56 20.18 8.76
N GLU A 157 11.71 19.56 9.57
CA GLU A 157 11.12 18.24 9.30
C GLU A 157 10.38 18.29 7.96
N ALA A 158 9.53 19.31 7.82
CA ALA A 158 8.74 19.52 6.63
C ALA A 158 9.59 19.90 5.42
N LYS A 159 10.64 20.68 5.65
CA LYS A 159 11.51 21.10 4.57
C LYS A 159 12.19 19.89 3.95
N ILE A 160 12.74 19.03 4.79
CA ILE A 160 13.41 17.83 4.31
C ILE A 160 12.46 16.93 3.51
N ILE A 161 11.24 16.73 4.04
CA ILE A 161 10.23 15.90 3.36
C ILE A 161 9.78 16.50 2.02
N LYS A 162 9.66 17.82 1.94
CA LYS A 162 9.28 18.45 0.67
C LYS A 162 10.42 18.34 -0.33
N GLN A 163 11.65 18.29 0.18
CA GLN A 163 12.85 18.16 -0.65
C GLN A 163 12.86 16.75 -1.24
N TYR A 164 12.50 15.78 -0.39
CA TYR A 164 12.43 14.36 -0.75
C TYR A 164 11.38 14.16 -1.85
N VAL A 165 10.26 14.89 -1.73
CA VAL A 165 9.18 14.78 -2.72
C VAL A 165 9.60 15.41 -4.07
N LYS A 166 10.08 16.65 -4.01
CA LYS A 166 10.52 17.34 -5.21
C LYS A 166 11.66 16.63 -5.97
N ASN A 167 12.76 16.33 -5.29
CA ASN A 167 13.90 15.69 -5.94
C ASN A 167 13.72 14.29 -6.50
N THR A 168 12.91 13.44 -5.87
CA THR A 168 12.73 12.06 -6.35
C THR A 168 11.53 11.80 -7.27
N HIS A 169 11.00 12.85 -7.91
CA HIS A 169 9.90 12.68 -8.85
C HIS A 169 10.54 12.32 -10.20
N ALA A 170 10.51 11.02 -10.53
CA ALA A 170 11.08 10.43 -11.75
C ALA A 170 10.71 11.05 -13.09
N ALA A 171 11.59 10.83 -14.08
CA ALA A 171 11.46 11.35 -15.45
C ALA A 171 10.29 10.77 -16.26
N THR A 172 10.20 9.44 -16.28
CA THR A 172 9.14 8.73 -17.01
C THR A 172 7.74 8.81 -16.36
N HIS A 173 7.69 9.28 -15.11
CA HIS A 173 6.44 9.45 -14.34
C HIS A 173 5.96 10.88 -14.38
N ASN A 174 6.59 11.70 -15.22
CA ASN A 174 6.19 13.09 -15.34
C ASN A 174 5.04 13.30 -16.31
N ALA A 175 3.94 12.68 -15.95
CA ALA A 175 2.66 12.74 -16.64
C ALA A 175 1.78 13.55 -15.66
N TYR A 176 2.41 14.01 -14.58
CA TYR A 176 1.77 14.79 -13.52
C TYR A 176 2.80 15.42 -12.58
N ASP A 177 2.40 16.48 -11.88
CA ASP A 177 3.24 17.14 -10.89
C ASP A 177 2.71 16.70 -9.55
N LEU A 178 3.43 17.03 -8.48
CA LEU A 178 3.02 16.65 -7.14
C LEU A 178 3.07 17.83 -6.20
N LYS A 179 1.97 18.10 -5.51
CA LYS A 179 1.98 19.18 -4.54
C LYS A 179 1.67 18.60 -3.18
N VAL A 180 2.55 18.85 -2.22
CA VAL A 180 2.35 18.38 -0.87
C VAL A 180 1.34 19.33 -0.25
N VAL A 181 0.13 18.85 0.00
CA VAL A 181 -0.93 19.66 0.58
C VAL A 181 -0.82 19.74 2.12
N GLU A 182 -0.44 18.64 2.73
CA GLU A 182 -0.33 18.57 4.18
C GLU A 182 0.53 17.39 4.65
N ILE A 183 1.24 17.57 5.76
CA ILE A 183 2.11 16.52 6.30
C ILE A 183 1.68 16.22 7.72
N PHE A 184 1.44 14.95 8.03
CA PHE A 184 1.04 14.54 9.37
C PHE A 184 2.08 13.60 9.98
N ARG A 185 2.36 13.83 11.26
CA ARG A 185 3.27 13.00 12.03
C ARG A 185 2.30 11.99 12.67
N ILE A 186 2.49 10.70 12.40
CA ILE A 186 1.59 9.67 12.93
C ILE A 186 2.33 8.69 13.79
N GLU A 187 1.68 8.21 14.84
CA GLU A 187 2.28 7.23 15.74
C GLU A 187 1.22 6.21 16.15
N ARG A 188 1.24 5.04 15.50
CA ARG A 188 0.29 3.97 15.80
C ARG A 188 0.56 3.36 17.15
N GLU A 189 -0.51 3.08 17.89
CA GLU A 189 -0.40 2.49 19.20
C GLU A 189 0.36 1.17 19.21
N GLY A 190 1.32 1.07 20.14
CA GLY A 190 2.13 -0.12 20.29
C GLY A 190 3.15 -0.39 19.19
N GLU A 191 3.17 0.42 18.13
CA GLU A 191 4.09 0.18 17.03
C GLU A 191 5.57 0.43 17.32
N SER A 192 5.86 1.53 18.02
CA SER A 192 7.24 1.86 18.42
C SER A 192 7.83 0.73 19.24
N GLN A 193 6.98 0.06 20.01
CA GLN A 193 7.39 -1.03 20.88
C GLN A 193 7.76 -2.30 20.12
N ARG A 194 6.92 -2.74 19.19
CA ARG A 194 7.22 -3.96 18.44
C ARG A 194 8.38 -3.72 17.49
N TYR A 195 8.67 -2.46 17.22
CA TYR A 195 9.78 -2.14 16.34
C TYR A 195 11.10 -1.99 17.10
N LYS A 196 11.06 -1.80 18.42
CA LYS A 196 12.28 -1.58 19.20
C LYS A 196 13.49 -2.45 18.86
N PRO A 197 13.33 -3.79 18.79
CA PRO A 197 14.44 -4.72 18.47
C PRO A 197 15.22 -4.35 17.21
N PHE A 198 14.54 -3.79 16.22
CA PHE A 198 15.17 -3.42 14.96
C PHE A 198 16.00 -2.15 14.92
N LYS A 199 16.00 -1.40 16.01
CA LYS A 199 16.81 -0.18 16.07
C LYS A 199 18.28 -0.62 16.15
N GLN A 200 18.49 -1.89 16.47
CA GLN A 200 19.82 -2.50 16.55
C GLN A 200 20.38 -2.70 15.12
N LEU A 201 19.50 -2.80 14.14
CA LEU A 201 19.94 -2.99 12.76
C LEU A 201 20.51 -1.72 12.13
N HIS A 202 21.43 -1.93 11.20
CA HIS A 202 22.05 -0.82 10.49
C HIS A 202 21.21 -0.70 9.19
N ASN A 203 21.50 0.34 8.41
CA ASN A 203 20.82 0.56 7.14
C ASN A 203 19.29 0.73 7.32
N ARG A 204 18.93 1.64 8.21
CA ARG A 204 17.55 1.99 8.50
C ARG A 204 17.27 3.21 7.62
N GLN A 205 16.23 3.13 6.78
CA GLN A 205 15.91 4.23 5.87
C GLN A 205 14.47 4.71 5.93
N LEU A 206 14.24 5.96 5.48
CA LEU A 206 12.91 6.58 5.43
C LEU A 206 12.45 6.36 3.99
N LEU A 207 11.53 5.41 3.81
CA LEU A 207 11.03 5.03 2.49
C LEU A 207 9.54 5.30 2.27
N TRP A 208 9.16 5.32 1.00
CA TRP A 208 7.80 5.58 0.59
C TRP A 208 6.91 4.36 0.43
N HIS A 209 5.63 4.55 0.73
CA HIS A 209 4.60 3.53 0.55
C HIS A 209 3.29 4.19 0.13
N GLY A 210 2.86 3.93 -1.10
CA GLY A 210 1.63 4.51 -1.61
C GLY A 210 0.51 3.49 -1.61
N SER A 211 -0.74 3.94 -1.51
CA SER A 211 -1.91 3.06 -1.48
C SER A 211 -3.20 3.84 -1.75
N ARG A 212 -4.30 3.16 -2.05
CA ARG A 212 -5.57 3.86 -2.28
C ARG A 212 -6.03 4.50 -0.98
N THR A 213 -6.76 5.61 -1.08
CA THR A 213 -7.25 6.28 0.12
C THR A 213 -8.19 5.35 0.90
N THR A 214 -8.80 4.41 0.19
CA THR A 214 -9.73 3.45 0.76
C THR A 214 -9.06 2.42 1.67
N ASN A 215 -7.73 2.35 1.61
CA ASN A 215 -6.96 1.40 2.41
C ASN A 215 -6.44 1.95 3.71
N PHE A 216 -6.48 3.27 3.85
CA PHE A 216 -5.93 3.93 5.02
C PHE A 216 -6.49 3.73 6.38
N ALA A 217 -7.77 3.39 6.51
CA ALA A 217 -8.32 3.16 7.84
C ALA A 217 -7.75 1.82 8.28
N GLY A 218 -7.61 0.91 7.32
CA GLY A 218 -7.08 -0.40 7.61
C GLY A 218 -5.61 -0.33 7.93
N ILE A 219 -4.85 0.46 7.13
CA ILE A 219 -3.43 0.64 7.36
C ILE A 219 -3.15 1.30 8.72
N LEU A 220 -3.89 2.35 9.04
CA LEU A 220 -3.67 3.02 10.32
C LEU A 220 -4.04 2.17 11.53
N SER A 221 -5.11 1.38 11.45
CA SER A 221 -5.50 0.60 12.61
C SER A 221 -4.76 -0.73 12.80
N GLN A 222 -4.44 -1.40 11.70
CA GLN A 222 -3.75 -2.69 11.74
C GLN A 222 -2.30 -2.57 11.35
N GLY A 223 -1.92 -1.43 10.78
CA GLY A 223 -0.55 -1.23 10.33
C GLY A 223 -0.37 -1.92 9.00
N LEU A 224 0.77 -1.72 8.35
CA LEU A 224 1.01 -2.38 7.05
C LEU A 224 1.20 -3.83 7.37
N ARG A 225 0.68 -4.71 6.51
CA ARG A 225 0.81 -6.12 6.76
C ARG A 225 1.09 -6.94 5.52
N ILE A 226 1.62 -8.15 5.72
CA ILE A 226 1.95 -9.07 4.62
C ILE A 226 0.68 -9.86 4.26
N ALA A 227 0.58 -10.29 3.01
CA ALA A 227 -0.60 -11.04 2.56
C ALA A 227 -0.75 -12.28 3.43
N PRO A 228 -2.01 -12.74 3.65
CA PRO A 228 -2.21 -13.93 4.48
C PRO A 228 -1.66 -15.21 3.87
N PRO A 229 -1.55 -16.27 4.70
CA PRO A 229 -1.04 -17.58 4.31
C PRO A 229 -1.70 -18.17 3.07
N GLU A 230 -2.97 -17.83 2.85
CA GLU A 230 -3.75 -18.35 1.72
C GLU A 230 -3.38 -17.81 0.34
N ALA A 231 -2.89 -16.58 0.32
CA ALA A 231 -2.52 -15.91 -0.93
C ALA A 231 -1.37 -16.63 -1.66
N PRO A 232 -1.42 -16.68 -3.00
CA PRO A 232 -0.31 -17.34 -3.69
C PRO A 232 0.94 -16.46 -3.63
N VAL A 233 2.10 -17.09 -3.45
CA VAL A 233 3.37 -16.35 -3.41
C VAL A 233 3.60 -15.70 -4.75
N THR A 234 3.01 -16.30 -5.78
CA THR A 234 3.11 -15.85 -7.15
C THR A 234 2.40 -14.52 -7.41
N GLY A 235 1.37 -14.23 -6.62
CA GLY A 235 0.63 -12.99 -6.77
C GLY A 235 1.44 -11.74 -6.50
N TYR A 236 2.69 -11.93 -6.01
CA TYR A 236 3.60 -10.83 -5.67
C TYR A 236 5.02 -11.01 -6.23
N MET A 237 5.54 -9.94 -6.85
CA MET A 237 6.86 -9.95 -7.48
C MET A 237 8.03 -10.51 -6.67
N PHE A 238 8.17 -10.08 -5.43
CA PHE A 238 9.26 -10.59 -4.58
C PHE A 238 8.75 -11.33 -3.38
N GLY A 239 7.62 -12.00 -3.54
CA GLY A 239 7.05 -12.77 -2.45
C GLY A 239 6.14 -11.92 -1.57
N LYS A 240 5.67 -12.53 -0.49
CA LYS A 240 4.77 -11.86 0.44
C LYS A 240 5.46 -11.05 1.53
N GLY A 241 5.85 -9.83 1.20
CA GLY A 241 6.47 -8.95 2.17
C GLY A 241 5.74 -7.62 2.15
N ILE A 242 6.42 -6.55 2.57
CA ILE A 242 5.88 -5.19 2.56
C ILE A 242 6.78 -4.38 1.63
N TYR A 243 6.18 -3.72 0.64
CA TYR A 243 6.93 -2.99 -0.36
C TYR A 243 7.07 -1.50 -0.15
N PHE A 244 8.26 -0.98 -0.48
CA PHE A 244 8.61 0.44 -0.35
C PHE A 244 9.42 0.89 -1.55
N ALA A 245 9.59 2.21 -1.69
CA ALA A 245 10.34 2.77 -2.79
C ALA A 245 11.15 3.96 -2.28
N ASP A 246 12.12 4.42 -3.07
CA ASP A 246 12.92 5.58 -2.69
C ASP A 246 12.64 6.80 -3.58
N MET A 247 11.83 6.59 -4.62
CA MET A 247 11.41 7.65 -5.56
C MET A 247 9.90 7.86 -5.27
N VAL A 248 9.50 9.08 -4.90
CA VAL A 248 8.11 9.39 -4.62
C VAL A 248 7.26 8.98 -5.81
N SER A 249 7.84 9.08 -6.99
CA SER A 249 7.18 8.73 -8.24
C SER A 249 6.67 7.29 -8.30
N LYS A 250 7.52 6.33 -7.93
CA LYS A 250 7.13 4.93 -7.98
C LYS A 250 5.93 4.62 -7.06
N SER A 251 5.99 5.07 -5.82
CA SER A 251 4.92 4.84 -4.86
C SER A 251 3.66 5.61 -5.23
N ALA A 252 3.82 6.86 -5.64
CA ALA A 252 2.70 7.72 -6.02
C ALA A 252 1.74 7.03 -6.98
N ASN A 253 2.28 6.19 -7.86
CA ASN A 253 1.47 5.46 -8.82
C ASN A 253 0.48 4.46 -8.22
N TYR A 254 0.79 3.98 -7.02
CA TYR A 254 -0.08 3.02 -6.33
C TYR A 254 -1.24 3.71 -5.61
N CYS A 255 -1.24 5.04 -5.63
CA CYS A 255 -2.28 5.84 -5.01
C CYS A 255 -3.58 5.75 -5.84
N HIS A 256 -3.42 5.49 -7.14
CA HIS A 256 -4.56 5.37 -8.07
C HIS A 256 -5.43 6.61 -8.15
N THR A 257 -4.78 7.77 -8.31
CA THR A 257 -5.50 9.02 -8.46
C THR A 257 -5.73 9.28 -9.95
N SER A 258 -6.46 10.34 -10.28
CA SER A 258 -6.76 10.70 -11.67
C SER A 258 -7.12 12.16 -11.75
N GLN A 259 -7.41 12.64 -12.95
CA GLN A 259 -7.82 14.03 -13.18
C GLN A 259 -9.14 14.27 -12.41
N ALA A 260 -10.00 13.25 -12.38
CA ALA A 260 -11.28 13.34 -11.69
C ALA A 260 -11.18 13.27 -10.17
N ASP A 261 -10.14 12.61 -9.65
CA ASP A 261 -9.94 12.46 -8.21
C ASP A 261 -8.43 12.60 -7.99
N PRO A 262 -7.96 13.85 -7.89
CA PRO A 262 -6.54 14.23 -7.71
C PRO A 262 -5.82 14.18 -6.36
N ILE A 263 -6.53 14.01 -5.24
CA ILE A 263 -5.84 13.95 -3.95
C ILE A 263 -5.54 12.52 -3.53
N GLY A 264 -4.27 12.27 -3.21
CA GLY A 264 -3.86 10.95 -2.76
C GLY A 264 -3.15 11.02 -1.43
N LEU A 265 -3.01 9.87 -0.77
CA LEU A 265 -2.31 9.75 0.49
C LEU A 265 -1.07 8.85 0.30
N ILE A 266 0.00 9.16 1.02
CA ILE A 266 1.22 8.37 0.90
C ILE A 266 1.94 8.40 2.24
N LEU A 267 2.62 7.30 2.54
CA LEU A 267 3.32 7.13 3.80
C LEU A 267 4.85 7.14 3.72
N LEU A 268 5.47 7.63 4.79
CA LEU A 268 6.93 7.59 4.91
C LEU A 268 7.12 6.70 6.13
N GLY A 269 7.78 5.58 5.93
CA GLY A 269 8.01 4.71 7.07
C GLY A 269 9.49 4.44 7.26
N GLU A 270 9.90 4.25 8.51
CA GLU A 270 11.29 3.95 8.82
C GLU A 270 11.37 2.45 8.66
N VAL A 271 12.22 1.97 7.75
CA VAL A 271 12.36 0.53 7.54
C VAL A 271 13.78 0.02 7.78
N ALA A 272 13.85 -1.00 8.64
CA ALA A 272 15.09 -1.67 9.05
C ALA A 272 15.52 -2.68 7.98
N LEU A 273 16.32 -2.19 7.05
CA LEU A 273 16.81 -2.98 5.93
C LEU A 273 17.98 -3.92 6.24
N GLY A 274 18.93 -3.46 7.05
CA GLY A 274 20.09 -4.28 7.37
C GLY A 274 20.86 -4.68 6.12
N ASN A 275 21.28 -5.94 6.06
CA ASN A 275 21.98 -6.44 4.88
C ASN A 275 20.93 -6.81 3.85
N MET A 276 20.94 -6.12 2.73
CA MET A 276 19.98 -6.37 1.67
C MET A 276 20.41 -7.45 0.68
N TYR A 277 19.47 -8.32 0.32
CA TYR A 277 19.71 -9.38 -0.65
C TYR A 277 19.28 -8.75 -1.97
N GLU A 278 20.25 -8.29 -2.76
CA GLU A 278 19.99 -7.60 -4.04
C GLU A 278 19.63 -8.47 -5.24
N LEU A 279 18.53 -8.12 -5.91
CA LEU A 279 18.03 -8.86 -7.07
C LEU A 279 17.83 -7.96 -8.28
N LYS A 280 18.00 -8.53 -9.48
CA LYS A 280 17.85 -7.76 -10.72
C LYS A 280 16.60 -8.17 -11.48
N ASN A 281 15.97 -9.24 -11.02
CA ASN A 281 14.76 -9.77 -11.63
C ASN A 281 13.88 -10.37 -10.54
N ALA A 282 12.58 -10.51 -10.83
CA ALA A 282 11.63 -11.07 -9.88
C ALA A 282 12.08 -12.41 -9.32
N SER A 283 11.57 -12.75 -8.15
CA SER A 283 11.92 -14.01 -7.49
C SER A 283 10.93 -14.20 -6.35
N HIS A 284 10.06 -15.19 -6.49
CA HIS A 284 9.05 -15.45 -5.48
C HIS A 284 9.64 -16.06 -4.21
N ILE A 285 10.35 -15.20 -3.48
CA ILE A 285 11.03 -15.50 -2.23
C ILE A 285 10.18 -16.01 -1.09
N THR A 286 10.65 -17.10 -0.49
CA THR A 286 10.01 -17.78 0.64
C THR A 286 10.96 -17.66 1.82
N LYS A 287 12.17 -18.13 1.60
CA LYS A 287 13.21 -18.10 2.61
C LYS A 287 14.18 -16.98 2.27
N LEU A 288 14.62 -16.27 3.31
CA LEU A 288 15.59 -15.20 3.11
C LEU A 288 16.95 -15.80 3.47
N PRO A 289 17.99 -15.59 2.61
CA PRO A 289 19.33 -16.12 2.87
C PRO A 289 19.90 -15.69 4.22
N LYS A 290 20.59 -16.61 4.89
CA LYS A 290 21.19 -16.33 6.20
C LYS A 290 22.01 -15.05 6.09
N GLY A 291 21.82 -14.15 7.05
CA GLY A 291 22.56 -12.90 7.05
C GLY A 291 21.90 -11.75 6.33
N LYS A 292 20.77 -12.03 5.70
CA LYS A 292 20.03 -11.00 4.97
C LYS A 292 18.78 -10.62 5.78
N HIS A 293 18.44 -9.33 5.75
CA HIS A 293 17.28 -8.82 6.50
C HIS A 293 16.14 -8.29 5.61
N SER A 294 16.45 -8.06 4.33
CA SER A 294 15.46 -7.55 3.41
C SER A 294 15.88 -7.83 1.97
N VAL A 295 15.03 -7.47 1.02
CA VAL A 295 15.34 -7.62 -0.41
C VAL A 295 15.37 -6.24 -1.07
N LYS A 296 16.25 -6.07 -2.05
CA LYS A 296 16.32 -4.83 -2.77
C LYS A 296 16.37 -5.08 -4.27
N GLY A 297 15.27 -4.77 -4.96
CA GLY A 297 15.23 -4.91 -6.40
C GLY A 297 15.99 -3.71 -6.91
N LEU A 298 17.02 -3.95 -7.72
CA LEU A 298 17.87 -2.88 -8.25
C LEU A 298 17.25 -2.22 -9.48
N GLY A 299 17.20 -0.89 -9.48
CA GLY A 299 16.63 -0.17 -10.62
C GLY A 299 17.65 0.58 -11.42
N LYS A 300 17.23 1.08 -12.58
CA LYS A 300 18.09 1.85 -13.48
C LYS A 300 18.27 3.27 -12.98
N THR A 301 17.32 3.74 -12.19
CA THR A 301 17.38 5.09 -11.63
C THR A 301 17.19 5.00 -10.11
N ALA A 302 17.88 5.87 -9.39
CA ALA A 302 17.80 5.93 -7.94
C ALA A 302 18.31 7.29 -7.49
N PRO A 303 17.95 7.72 -6.26
CA PRO A 303 18.40 9.03 -5.78
C PRO A 303 19.94 9.08 -5.66
N ASP A 304 20.48 10.27 -5.88
CA ASP A 304 21.91 10.49 -5.82
C ASP A 304 22.40 10.21 -4.42
N PRO A 305 23.23 9.15 -4.25
CA PRO A 305 23.79 8.76 -2.96
C PRO A 305 24.61 9.85 -2.25
N THR A 306 25.00 10.86 -3.03
CA THR A 306 25.76 12.03 -2.58
C THR A 306 24.94 12.92 -1.63
N ALA A 307 23.68 13.16 -2.00
CA ALA A 307 22.75 14.00 -1.25
C ALA A 307 22.04 13.40 -0.05
N THR A 308 22.26 12.12 0.23
CA THR A 308 21.61 11.42 1.33
C THR A 308 21.82 12.13 2.68
N THR A 309 20.73 12.37 3.42
CA THR A 309 20.78 13.02 4.74
C THR A 309 20.23 12.06 5.78
N THR A 310 20.18 12.55 7.01
CA THR A 310 19.68 11.82 8.15
C THR A 310 18.56 12.64 8.79
N LEU A 311 17.60 11.97 9.41
CA LEU A 311 16.48 12.62 10.07
C LEU A 311 16.26 11.72 11.25
N ASP A 312 16.71 12.16 12.43
CA ASP A 312 16.58 11.38 13.65
C ASP A 312 17.34 10.05 13.55
N GLY A 313 18.51 10.10 12.91
CA GLY A 313 19.35 8.92 12.76
C GLY A 313 18.95 7.96 11.67
N VAL A 314 17.95 8.33 10.87
CA VAL A 314 17.45 7.47 9.80
C VAL A 314 17.88 8.10 8.48
N GLU A 315 18.39 7.30 7.56
CA GLU A 315 18.84 7.83 6.27
C GLU A 315 17.69 8.23 5.36
N VAL A 316 17.79 9.42 4.76
CA VAL A 316 16.76 9.91 3.85
C VAL A 316 17.41 10.10 2.48
N PRO A 317 17.11 9.20 1.51
CA PRO A 317 17.69 9.29 0.16
C PRO A 317 16.99 10.37 -0.69
N LEU A 318 17.11 11.63 -0.28
CA LEU A 318 16.45 12.72 -0.98
C LEU A 318 17.14 13.26 -2.23
N GLY A 319 18.21 12.57 -2.66
CA GLY A 319 18.95 12.99 -3.84
C GLY A 319 18.15 12.95 -5.13
N ASN A 320 18.65 13.67 -6.14
CA ASN A 320 17.99 13.71 -7.44
C ASN A 320 18.17 12.41 -8.20
N GLY A 321 17.16 12.04 -8.97
CA GLY A 321 17.18 10.81 -9.74
C GLY A 321 18.36 10.73 -10.68
N ILE A 322 19.32 9.88 -10.34
CA ILE A 322 20.53 9.69 -11.12
C ILE A 322 20.50 8.26 -11.63
N SER A 323 21.10 8.01 -12.80
CA SER A 323 21.11 6.65 -13.33
C SER A 323 22.22 5.83 -12.69
N THR A 324 21.88 4.64 -12.23
CA THR A 324 22.85 3.76 -11.60
C THR A 324 23.57 2.98 -12.70
N GLY A 325 24.75 2.47 -12.39
CA GLY A 325 25.54 1.74 -13.36
C GLY A 325 25.02 0.41 -13.85
N ILE A 326 24.06 -0.17 -13.13
CA ILE A 326 23.52 -1.46 -13.53
C ILE A 326 22.57 -1.34 -14.73
N ASN A 327 22.82 -2.17 -15.72
CA ASN A 327 22.04 -2.18 -16.95
C ASN A 327 21.26 -3.48 -17.16
N ASP A 328 21.79 -4.58 -16.64
CA ASP A 328 21.18 -5.89 -16.76
C ASP A 328 20.00 -6.14 -15.80
N THR A 329 19.31 -5.06 -15.42
CA THR A 329 18.17 -5.16 -14.52
C THR A 329 16.83 -4.91 -15.21
N CYS A 330 15.81 -5.58 -14.71
CA CYS A 330 14.47 -5.45 -15.26
C CYS A 330 13.74 -4.24 -14.69
N LEU A 331 14.12 -3.83 -13.48
CA LEU A 331 13.47 -2.71 -12.81
C LEU A 331 13.97 -1.32 -13.21
N LEU A 332 13.05 -0.36 -13.29
CA LEU A 332 13.38 1.01 -13.65
C LEU A 332 13.75 1.74 -12.39
N TYR A 333 13.14 1.33 -11.28
CA TYR A 333 13.35 1.93 -9.96
C TYR A 333 13.54 0.86 -8.90
N ASN A 334 14.17 1.26 -7.79
CA ASN A 334 14.45 0.38 -6.66
C ASN A 334 13.18 0.00 -5.93
N GLU A 335 13.18 -1.20 -5.39
CA GLU A 335 12.05 -1.69 -4.61
C GLU A 335 12.66 -2.33 -3.38
N TYR A 336 12.08 -2.06 -2.22
CA TYR A 336 12.58 -2.64 -0.98
C TYR A 336 11.49 -3.45 -0.33
N ILE A 337 11.83 -4.67 0.07
CA ILE A 337 10.87 -5.53 0.69
C ILE A 337 11.39 -6.13 2.00
N VAL A 338 10.56 -6.01 3.04
CA VAL A 338 10.85 -6.58 4.35
C VAL A 338 9.80 -7.70 4.53
N TYR A 339 10.18 -8.79 5.20
CA TYR A 339 9.25 -9.90 5.33
C TYR A 339 8.76 -10.07 6.74
N ASP A 340 8.88 -9.01 7.52
CA ASP A 340 8.43 -9.05 8.91
C ASP A 340 7.75 -7.73 9.21
N VAL A 341 6.49 -7.84 9.61
CA VAL A 341 5.65 -6.72 9.96
C VAL A 341 6.29 -5.78 11.04
N ALA A 342 7.19 -6.32 11.85
CA ALA A 342 7.86 -5.53 12.89
C ALA A 342 9.06 -4.73 12.37
N GLN A 343 9.46 -4.95 11.11
CA GLN A 343 10.60 -4.24 10.54
C GLN A 343 10.30 -2.83 10.03
N VAL A 344 9.08 -2.36 10.26
CA VAL A 344 8.70 -1.02 9.84
C VAL A 344 7.97 -0.27 10.95
N ASN A 345 8.25 1.03 11.01
CA ASN A 345 7.67 1.96 11.96
C ASN A 345 7.23 3.16 11.12
N LEU A 346 5.91 3.37 10.99
CA LEU A 346 5.40 4.49 10.20
C LEU A 346 5.67 5.81 10.90
N LYS A 347 5.95 6.86 10.12
CA LYS A 347 6.30 8.18 10.66
C LYS A 347 5.45 9.35 10.20
N TYR A 348 5.26 9.46 8.90
CA TYR A 348 4.49 10.57 8.35
C TYR A 348 3.49 10.10 7.35
N LEU A 349 2.43 10.89 7.17
CA LEU A 349 1.39 10.61 6.20
C LEU A 349 1.27 11.96 5.50
N LEU A 350 1.46 11.94 4.18
CA LEU A 350 1.37 13.15 3.38
C LEU A 350 0.09 13.17 2.55
N LYS A 351 -0.48 14.35 2.40
CA LYS A 351 -1.68 14.52 1.60
C LYS A 351 -1.13 15.14 0.33
N LEU A 352 -1.19 14.41 -0.78
CA LEU A 352 -0.66 14.92 -2.02
C LEU A 352 -1.74 15.35 -3.00
N LYS A 353 -1.41 16.33 -3.83
CA LYS A 353 -2.29 16.84 -4.88
C LYS A 353 -1.59 16.59 -6.22
N PHE A 354 -2.15 15.65 -6.99
CA PHE A 354 -1.61 15.28 -8.29
C PHE A 354 -2.08 16.27 -9.35
N ASN A 355 -1.20 17.09 -9.87
CA ASN A 355 -1.61 18.01 -10.91
C ASN A 355 -1.33 17.37 -12.27
N TYR A 356 -2.39 16.93 -12.95
CA TYR A 356 -2.24 16.30 -14.25
C TYR A 356 -2.08 17.28 -15.40
N LYS A 357 -1.04 17.03 -16.19
CA LYS A 357 -0.71 17.86 -17.34
C LYS A 357 -1.80 17.62 -18.39
N THR A 358 -2.44 18.72 -18.80
CA THR A 358 -3.54 18.66 -19.76
C THR A 358 -3.40 19.67 -20.89
C1A 4AN B . 2.64 -0.65 -3.16
O1A 4AN B . 1.52 -1.08 -2.95
C1 4AN B . 3.63 -1.46 -4.01
C2 4AN B . 3.25 -2.71 -4.56
C3 4AN B . 4.17 -3.44 -5.33
C4 4AN B . 5.46 -2.94 -5.57
N4 4AN B . 6.35 -3.73 -6.36
C5 4AN B . 7.14 -1.16 -5.19
C6 4AN B . 7.49 0.09 -4.63
C7 4AN B . 6.56 0.81 -3.87
C8 4AN B . 5.27 0.29 -3.67
C8A 4AN B . 4.26 1.07 -2.85
O8A 4AN B . 4.56 2.17 -2.39
N9 4AN B . 3.03 0.55 -2.66
C9 4AN B . 4.93 -0.96 -4.23
C10 4AN B . 5.86 -1.70 -5.00
#